data_8B6N
#
_entry.id   8B6N
#
_cell.length_a   45.850
_cell.length_b   79.320
_cell.length_c   154.180
_cell.angle_alpha   90.000
_cell.angle_beta   90.000
_cell.angle_gamma   90.000
#
_symmetry.space_group_name_H-M   'C 2 2 21'
#
loop_
_entity.id
_entity.type
_entity.pdbx_description
1 polymer 'Haloalkane dehalogenase'
2 non-polymer '2-[N-CYCLOHEXYLAMINO]ETHANE SULFONIC ACID'
3 water water
#
_entity_poly.entity_id   1
_entity_poly.type   'polypeptide(L)'
_entity_poly.pdbx_seq_one_letter_code
;GDVGRKLIIDQNVFIEGTLPMGVVRPLTEVEMDHYREPFLNPVDREPLWRFPNELPIAGEPANIVALVEEYMDWLHQSPV
PKLLFWGTPGVLIPPAEAARLAKSLPNCKAVDIGPGLNLLQEDNPDLIGSEIARWLSTLEIGGTGGSGGTGGSGGSIGTG
FPFDPHYVEVLGERMHYVDVGPRDGTPVLFLHGNPTSSYVWRNIIPHVAPTHRCIAPDLIGMGKSDKPDLGYFFDDHVRF
MDAFIEALGLEEVVLVIHDWGSALGFHWAKRNPERVKGIAFMEFIRPIPTWDEW
;
_entity_poly.pdbx_strand_id   A
#
loop_
_chem_comp.id
_chem_comp.type
_chem_comp.name
_chem_comp.formula
NHE non-polymer '2-[N-CYCLOHEXYLAMINO]ETHANE SULFONIC ACID' 'C8 H17 N O3 S'
#
# COMPACT_ATOMS: atom_id res chain seq x y z
N ASP A 2 8.97 -17.03 -21.46
CA ASP A 2 8.64 -15.61 -21.28
C ASP A 2 9.86 -14.81 -20.87
N VAL A 3 10.27 -13.88 -21.73
CA VAL A 3 11.45 -13.08 -21.46
C VAL A 3 11.17 -12.04 -20.39
N GLY A 4 9.99 -11.43 -20.43
CA GLY A 4 9.59 -10.51 -19.38
C GLY A 4 9.67 -11.13 -17.99
N ARG A 5 9.23 -12.39 -17.86
CA ARG A 5 9.29 -13.05 -16.56
C ARG A 5 10.73 -13.36 -16.16
N LYS A 6 11.58 -13.67 -17.14
CA LYS A 6 12.98 -13.94 -16.84
C LYS A 6 13.68 -12.69 -16.30
N LEU A 7 13.33 -11.52 -16.83
CA LEU A 7 13.99 -10.30 -16.37
C LEU A 7 13.57 -9.95 -14.95
N ILE A 8 12.30 -10.18 -14.62
CA ILE A 8 11.81 -9.82 -13.29
C ILE A 8 12.29 -10.83 -12.25
N ILE A 9 12.33 -12.11 -12.60
CA ILE A 9 12.66 -13.16 -11.65
C ILE A 9 14.16 -13.36 -11.52
N ASP A 10 14.86 -13.51 -12.65
CA ASP A 10 16.28 -13.86 -12.60
C ASP A 10 17.18 -12.63 -12.61
N GLN A 11 16.85 -11.61 -13.38
CA GLN A 11 17.69 -10.42 -13.44
C GLN A 11 17.22 -9.30 -12.52
N ASN A 12 16.12 -9.53 -11.80
CA ASN A 12 15.61 -8.61 -10.77
C ASN A 12 15.33 -7.21 -11.33
N VAL A 13 14.80 -7.16 -12.55
CA VAL A 13 14.61 -5.88 -13.21
C VAL A 13 13.53 -5.06 -12.52
N PHE A 14 12.55 -5.71 -11.87
CA PHE A 14 11.51 -4.96 -11.17
C PHE A 14 12.08 -4.17 -10.01
N ILE A 15 13.07 -4.72 -9.31
CA ILE A 15 13.68 -4.02 -8.19
C ILE A 15 14.71 -3.01 -8.69
N GLU A 16 15.59 -3.43 -9.60
CA GLU A 16 16.69 -2.55 -9.98
C GLU A 16 16.30 -1.54 -11.04
N GLY A 17 15.21 -1.77 -11.77
CA GLY A 17 14.83 -0.87 -12.85
C GLY A 17 13.48 -0.22 -12.63
N THR A 18 12.43 -1.04 -12.47
CA THR A 18 11.07 -0.51 -12.41
C THR A 18 10.84 0.30 -11.15
N LEU A 19 11.33 -0.18 -10.01
CA LEU A 19 11.13 0.56 -8.76
C LEU A 19 11.81 1.94 -8.77
N PRO A 20 13.07 2.09 -9.19
CA PRO A 20 13.63 3.45 -9.28
C PRO A 20 12.87 4.36 -10.22
N MET A 21 12.17 3.82 -11.20
CA MET A 21 11.35 4.63 -12.09
C MET A 21 10.01 5.03 -11.48
N GLY A 22 9.70 4.57 -10.26
CA GLY A 22 8.57 5.03 -9.51
C GLY A 22 8.84 6.15 -8.52
N VAL A 23 10.08 6.65 -8.46
CA VAL A 23 10.46 7.74 -7.58
C VAL A 23 11.07 8.85 -8.43
N VAL A 24 10.71 10.11 -8.12
CA VAL A 24 11.26 11.22 -8.88
C VAL A 24 12.70 11.50 -8.45
N ARG A 25 12.93 11.66 -7.15
CA ARG A 25 14.27 11.88 -6.66
C ARG A 25 15.07 10.59 -6.74
N PRO A 26 16.40 10.68 -6.84
CA PRO A 26 17.21 9.46 -6.89
C PRO A 26 17.36 8.85 -5.50
N LEU A 27 17.17 7.54 -5.43
CA LEU A 27 17.36 6.83 -4.18
C LEU A 27 18.85 6.65 -3.90
N THR A 28 19.16 6.30 -2.66
CA THR A 28 20.52 5.98 -2.24
C THR A 28 20.71 4.47 -2.20
N GLU A 29 21.97 4.04 -2.28
CA GLU A 29 22.26 2.61 -2.26
C GLU A 29 21.89 1.95 -0.93
N VAL A 30 21.82 2.72 0.16
CA VAL A 30 21.38 2.13 1.43
C VAL A 30 19.86 1.96 1.44
N GLU A 31 19.12 2.88 0.82
CA GLU A 31 17.69 2.69 0.65
C GLU A 31 17.37 1.53 -0.28
N MET A 32 18.13 1.40 -1.37
CA MET A 32 17.89 0.29 -2.30
C MET A 32 18.24 -1.04 -1.67
N ASP A 33 19.23 -1.06 -0.77
CA ASP A 33 19.54 -2.30 -0.06
C ASP A 33 18.35 -2.78 0.77
N HIS A 34 17.53 -1.86 1.27
CA HIS A 34 16.37 -2.24 2.08
C HIS A 34 15.26 -2.81 1.21
N TYR A 35 15.09 -2.25 0.00
CA TYR A 35 14.14 -2.80 -0.96
C TYR A 35 14.66 -4.10 -1.59
N ARG A 36 15.97 -4.31 -1.63
CA ARG A 36 16.52 -5.54 -2.16
C ARG A 36 16.42 -6.71 -1.19
N GLU A 37 16.55 -6.43 0.11
CA GLU A 37 16.71 -7.50 1.10
C GLU A 37 15.63 -8.57 1.08
N PRO A 38 14.34 -8.28 0.89
CA PRO A 38 13.37 -9.38 0.81
C PRO A 38 13.54 -10.27 -0.42
N PHE A 39 14.12 -9.76 -1.51
CA PHE A 39 14.15 -10.45 -2.79
C PHE A 39 15.57 -10.75 -3.25
N LEU A 40 16.46 -11.07 -2.30
CA LEU A 40 17.83 -11.44 -2.63
C LEU A 40 17.87 -12.77 -3.38
N ASN A 41 17.06 -13.73 -2.96
CA ASN A 41 17.00 -15.01 -3.64
C ASN A 41 15.95 -14.94 -4.75
N PRO A 42 16.30 -15.21 -6.00
CA PRO A 42 15.31 -15.15 -7.08
C PRO A 42 14.08 -16.02 -6.86
N VAL A 43 14.16 -17.09 -6.06
CA VAL A 43 12.99 -17.92 -5.82
C VAL A 43 11.94 -17.23 -4.96
N ASP A 44 12.26 -16.08 -4.38
CA ASP A 44 11.32 -15.32 -3.56
C ASP A 44 10.65 -14.19 -4.34
N ARG A 45 10.83 -14.15 -5.65
CA ARG A 45 10.42 -13.00 -6.45
C ARG A 45 9.11 -13.22 -7.19
N GLU A 46 8.35 -14.25 -6.85
CA GLU A 46 7.07 -14.46 -7.51
C GLU A 46 6.09 -13.30 -7.32
N PRO A 47 5.98 -12.65 -6.16
CA PRO A 47 5.08 -11.48 -6.06
C PRO A 47 5.45 -10.35 -7.01
N LEU A 48 6.74 -10.18 -7.32
CA LEU A 48 7.12 -9.11 -8.25
C LEU A 48 6.54 -9.36 -9.63
N TRP A 49 6.42 -10.62 -10.03
CA TRP A 49 5.88 -10.95 -11.35
C TRP A 49 4.36 -11.05 -11.33
N ARG A 50 3.76 -11.59 -10.27
CA ARG A 50 2.32 -11.84 -10.31
C ARG A 50 1.50 -10.55 -10.16
N PHE A 51 1.99 -9.60 -9.35
CA PHE A 51 1.25 -8.36 -9.12
C PHE A 51 0.93 -7.61 -10.41
N PRO A 52 1.89 -7.24 -11.26
CA PRO A 52 1.51 -6.54 -12.49
C PRO A 52 0.63 -7.39 -13.40
N ASN A 53 0.79 -8.72 -13.36
CA ASN A 53 -0.08 -9.59 -14.14
C ASN A 53 -1.47 -9.73 -13.53
N GLU A 54 -1.72 -9.11 -12.37
CA GLU A 54 -3.04 -9.08 -11.77
C GLU A 54 -3.75 -7.74 -11.97
N LEU A 55 -3.07 -6.75 -12.54
CA LEU A 55 -3.66 -5.42 -12.69
C LEU A 55 -4.92 -5.49 -13.54
N PRO A 56 -5.96 -4.73 -13.21
CA PRO A 56 -7.17 -4.74 -14.03
C PRO A 56 -7.01 -3.92 -15.31
N ILE A 57 -6.79 -4.60 -16.42
CA ILE A 57 -6.51 -3.95 -17.69
C ILE A 57 -7.39 -4.56 -18.77
N ALA A 58 -8.25 -3.75 -19.36
CA ALA A 58 -9.08 -4.15 -20.50
C ALA A 58 -10.02 -5.31 -20.13
N GLY A 59 -10.52 -5.28 -18.90
CA GLY A 59 -11.46 -6.30 -18.47
C GLY A 59 -10.86 -7.65 -18.13
N GLU A 60 -9.54 -7.71 -17.95
CA GLU A 60 -8.85 -8.93 -17.55
C GLU A 60 -7.83 -8.58 -16.48
N PRO A 61 -7.67 -9.40 -15.43
CA PRO A 61 -8.49 -10.59 -15.14
C PRO A 61 -9.89 -10.24 -14.64
N ALA A 62 -10.90 -10.98 -15.11
CA ALA A 62 -12.28 -10.63 -14.81
C ALA A 62 -12.54 -10.59 -13.31
N ASN A 63 -11.93 -11.49 -12.55
CA ASN A 63 -12.14 -11.52 -11.11
C ASN A 63 -11.60 -10.27 -10.42
N ILE A 64 -10.46 -9.75 -10.88
CA ILE A 64 -9.93 -8.51 -10.32
C ILE A 64 -10.76 -7.31 -10.77
N VAL A 65 -11.07 -7.25 -12.08
CA VAL A 65 -11.83 -6.11 -12.61
C VAL A 65 -13.16 -5.97 -11.89
N ALA A 66 -13.88 -7.07 -11.71
CA ALA A 66 -15.15 -7.02 -11.00
C ALA A 66 -14.96 -6.59 -9.56
N LEU A 67 -13.97 -7.16 -8.88
CA LEU A 67 -13.67 -6.80 -7.50
C LEU A 67 -13.34 -5.32 -7.37
N VAL A 68 -12.51 -4.80 -8.28
CA VAL A 68 -12.11 -3.39 -8.21
C VAL A 68 -13.29 -2.49 -8.57
N GLU A 69 -14.09 -2.88 -9.57
CA GLU A 69 -15.27 -2.11 -9.90
C GLU A 69 -16.23 -2.02 -8.71
N GLU A 70 -16.32 -3.10 -7.92
CA GLU A 70 -17.25 -3.11 -6.81
C GLU A 70 -16.82 -2.16 -5.70
N TYR A 71 -15.52 -2.12 -5.37
CA TYR A 71 -15.14 -1.22 -4.30
C TYR A 71 -15.05 0.22 -4.78
N MET A 72 -14.74 0.44 -6.06
CA MET A 72 -14.83 1.79 -6.59
C MET A 72 -16.28 2.28 -6.57
N ASP A 73 -17.22 1.38 -6.87
CA ASP A 73 -18.64 1.72 -6.75
C ASP A 73 -19.00 2.03 -5.30
N TRP A 74 -18.44 1.24 -4.37
CA TRP A 74 -18.66 1.52 -2.95
C TRP A 74 -18.08 2.86 -2.54
N LEU A 75 -16.85 3.16 -3.00
CA LEU A 75 -16.18 4.39 -2.56
C LEU A 75 -16.97 5.62 -2.98
N HIS A 76 -17.60 5.59 -4.16
CA HIS A 76 -18.41 6.71 -4.60
C HIS A 76 -19.70 6.84 -3.82
N GLN A 77 -20.16 5.77 -3.16
CA GLN A 77 -21.39 5.81 -2.39
C GLN A 77 -21.16 6.07 -0.90
N SER A 78 -19.90 6.03 -0.45
CA SER A 78 -19.55 6.01 0.96
C SER A 78 -19.38 7.42 1.53
N PRO A 79 -19.89 7.66 2.73
CA PRO A 79 -19.64 8.93 3.41
C PRO A 79 -18.37 8.96 4.26
N VAL A 80 -17.57 7.90 4.24
CA VAL A 80 -16.36 7.82 5.05
C VAL A 80 -15.42 8.96 4.66
N PRO A 81 -14.77 9.64 5.60
CA PRO A 81 -13.79 10.69 5.23
C PRO A 81 -12.65 10.11 4.40
N LYS A 82 -12.28 10.82 3.34
CA LYS A 82 -11.25 10.35 2.42
C LYS A 82 -10.20 11.44 2.24
N LEU A 83 -8.95 11.00 2.09
CA LEU A 83 -7.81 11.89 1.87
C LEU A 83 -7.00 11.32 0.73
N LEU A 84 -6.90 12.08 -0.37
CA LEU A 84 -6.30 11.60 -1.61
C LEU A 84 -5.06 12.42 -1.91
N PHE A 85 -3.89 11.80 -1.83
CA PHE A 85 -2.64 12.39 -2.28
C PHE A 85 -2.36 11.99 -3.72
N TRP A 86 -1.74 12.91 -4.46
CA TRP A 86 -1.35 12.63 -5.85
C TRP A 86 -0.21 13.55 -6.23
N GLY A 87 0.52 13.16 -7.28
CA GLY A 87 1.65 13.91 -7.77
C GLY A 87 1.66 13.95 -9.29
N THR A 88 2.60 14.73 -9.82
CA THR A 88 2.79 14.92 -11.25
C THR A 88 4.11 14.33 -11.69
N PRO A 89 4.13 13.50 -12.75
CA PRO A 89 2.99 13.10 -13.58
C PRO A 89 2.21 11.92 -13.02
N GLY A 90 2.69 11.32 -11.93
CA GLY A 90 2.10 10.12 -11.41
C GLY A 90 2.48 8.91 -12.25
N VAL A 91 1.92 7.76 -11.87
CA VAL A 91 2.16 6.52 -12.59
C VAL A 91 0.83 5.82 -12.83
N LEU A 92 0.15 5.43 -11.74
CA LEU A 92 -1.15 4.77 -11.88
C LEU A 92 -2.27 5.77 -12.12
N ILE A 93 -2.15 6.99 -11.59
CA ILE A 93 -3.21 7.99 -11.67
C ILE A 93 -2.66 9.26 -12.30
N PRO A 94 -3.16 9.68 -13.45
CA PRO A 94 -2.79 11.00 -13.95
C PRO A 94 -3.27 12.08 -13.01
N PRO A 95 -2.58 13.22 -12.96
CA PRO A 95 -3.00 14.30 -12.04
C PRO A 95 -4.41 14.81 -12.31
N ALA A 96 -4.86 14.81 -13.57
CA ALA A 96 -6.21 15.29 -13.86
C ALA A 96 -7.27 14.33 -13.32
N GLU A 97 -7.08 13.03 -13.50
CA GLU A 97 -8.05 12.06 -13.00
C GLU A 97 -8.08 12.02 -11.49
N ALA A 98 -6.93 12.25 -10.84
CA ALA A 98 -6.88 12.28 -9.39
C ALA A 98 -7.67 13.46 -8.83
N ALA A 99 -7.46 14.65 -9.40
CA ALA A 99 -8.20 15.82 -8.92
C ALA A 99 -9.69 15.71 -9.23
N ARG A 100 -10.05 15.11 -10.36
CA ARG A 100 -11.46 14.89 -10.67
C ARG A 100 -12.08 13.88 -9.73
N LEU A 101 -11.29 12.92 -9.26
CA LEU A 101 -11.81 11.92 -8.34
C LEU A 101 -12.16 12.53 -6.99
N ALA A 102 -11.35 13.47 -6.51
CA ALA A 102 -11.65 14.13 -5.25
C ALA A 102 -12.95 14.92 -5.35
N LYS A 103 -13.28 15.45 -6.52
CA LYS A 103 -14.57 16.08 -6.73
C LYS A 103 -15.71 15.08 -6.57
N SER A 104 -15.66 13.97 -7.31
CA SER A 104 -16.79 13.05 -7.35
C SER A 104 -16.94 12.26 -6.07
N LEU A 105 -15.83 11.91 -5.41
CA LEU A 105 -15.92 11.14 -4.18
C LEU A 105 -16.54 11.99 -3.07
N PRO A 106 -17.46 11.44 -2.28
CA PRO A 106 -18.01 12.18 -1.15
C PRO A 106 -16.98 12.35 -0.04
N ASN A 107 -16.97 13.54 0.55
CA ASN A 107 -16.16 13.83 1.74
C ASN A 107 -14.69 13.51 1.53
N CYS A 108 -14.13 14.02 0.43
CA CYS A 108 -12.78 13.73 0.02
C CYS A 108 -11.96 15.00 -0.06
N LYS A 109 -10.85 15.04 0.66
CA LYS A 109 -9.89 16.14 0.60
C LYS A 109 -8.70 15.73 -0.27
N ALA A 110 -8.33 16.58 -1.21
CA ALA A 110 -7.23 16.32 -2.12
C ALA A 110 -5.99 17.07 -1.67
N VAL A 111 -4.82 16.49 -1.96
CA VAL A 111 -3.55 17.10 -1.60
C VAL A 111 -2.61 16.97 -2.79
N ASP A 112 -2.27 18.08 -3.41
CA ASP A 112 -1.20 18.13 -4.40
C ASP A 112 0.15 18.00 -3.69
N ILE A 113 0.89 16.93 -3.98
CA ILE A 113 2.22 16.79 -3.40
C ILE A 113 3.30 17.37 -4.31
N GLY A 114 2.95 17.80 -5.52
CA GLY A 114 3.91 18.32 -6.45
C GLY A 114 4.60 17.21 -7.21
N PRO A 115 5.93 17.17 -7.14
CA PRO A 115 6.69 16.13 -7.86
C PRO A 115 6.42 14.75 -7.27
N GLY A 116 5.95 13.84 -8.11
CA GLY A 116 5.71 12.46 -7.68
C GLY A 116 5.41 11.49 -8.80
N LEU A 117 5.79 10.23 -8.60
CA LEU A 117 5.50 9.19 -9.57
C LEU A 117 4.58 8.18 -8.89
N ASN A 118 5.11 7.08 -8.36
CA ASN A 118 4.32 6.12 -7.60
C ASN A 118 4.64 6.15 -6.11
N LEU A 119 5.93 6.12 -5.75
CA LEU A 119 6.33 6.15 -4.35
C LEU A 119 6.36 7.60 -3.88
N LEU A 120 5.17 8.14 -3.62
CA LEU A 120 5.09 9.51 -3.13
C LEU A 120 5.65 9.62 -1.71
N GLN A 121 5.69 8.50 -0.97
CA GLN A 121 6.30 8.51 0.37
C GLN A 121 7.80 8.77 0.31
N GLU A 122 8.47 8.43 -0.79
CA GLU A 122 9.89 8.70 -0.92
C GLU A 122 10.17 10.08 -1.50
N ASP A 123 9.18 10.73 -2.10
CA ASP A 123 9.42 12.04 -2.69
C ASP A 123 9.08 13.18 -1.75
N ASN A 124 8.08 13.01 -0.88
CA ASN A 124 7.64 14.08 0.03
C ASN A 124 6.96 13.46 1.23
N PRO A 125 7.70 12.71 2.05
CA PRO A 125 7.09 12.07 3.23
C PRO A 125 6.66 13.08 4.29
N ASP A 126 7.18 14.31 4.24
CA ASP A 126 6.84 15.30 5.26
C ASP A 126 5.46 15.91 5.01
N LEU A 127 5.12 16.18 3.75
CA LEU A 127 3.78 16.68 3.44
C LEU A 127 2.73 15.60 3.67
N ILE A 128 3.05 14.36 3.29
CA ILE A 128 2.07 13.27 3.40
C ILE A 128 1.82 12.93 4.86
N GLY A 129 2.89 12.78 5.65
CA GLY A 129 2.73 12.42 7.04
C GLY A 129 2.05 13.51 7.87
N SER A 130 2.37 14.77 7.58
CA SER A 130 1.79 15.86 8.37
C SER A 130 0.35 16.15 7.96
N GLU A 131 0.06 16.13 6.66
CA GLU A 131 -1.33 16.35 6.24
C GLU A 131 -2.24 15.22 6.69
N ILE A 132 -1.68 14.02 6.87
CA ILE A 132 -2.43 12.94 7.49
C ILE A 132 -2.72 13.28 8.94
N ALA A 133 -1.73 13.80 9.67
CA ALA A 133 -1.93 14.16 11.07
C ALA A 133 -2.96 15.27 11.23
N ARG A 134 -2.90 16.29 10.38
CA ARG A 134 -3.91 17.34 10.42
C ARG A 134 -5.28 16.81 10.04
N TRP A 135 -5.34 15.67 9.35
CA TRP A 135 -6.59 15.04 8.95
C TRP A 135 -7.14 14.14 10.04
N LEU A 136 -6.26 13.41 10.76
CA LEU A 136 -6.71 12.56 11.85
C LEU A 136 -7.25 13.35 13.03
N SER A 137 -6.86 14.62 13.15
CA SER A 137 -7.35 15.44 14.27
C SER A 137 -8.84 15.73 14.12
N THR A 138 -9.30 15.94 12.88
CA THR A 138 -10.71 16.26 12.65
C THR A 138 -11.62 15.08 12.98
N LEU A 139 -11.11 13.85 12.86
CA LEU A 139 -11.90 12.66 13.12
C LEU A 139 -11.93 12.35 14.63
N ILE A 157 15.66 13.03 5.91
CA ILE A 157 14.96 11.77 5.67
C ILE A 157 15.77 10.61 6.27
N GLY A 158 15.05 9.54 6.64
CA GLY A 158 15.67 8.37 7.26
C GLY A 158 15.75 7.22 6.28
N THR A 159 16.92 6.56 6.26
CA THR A 159 17.17 5.39 5.43
C THR A 159 17.16 4.08 6.21
N GLY A 160 17.28 4.13 7.54
CA GLY A 160 17.16 2.94 8.35
C GLY A 160 15.73 2.62 8.70
N PHE A 161 15.55 1.47 9.37
CA PHE A 161 14.25 0.96 9.81
C PHE A 161 14.29 0.80 11.32
N PRO A 162 14.07 1.88 12.08
CA PRO A 162 14.15 1.82 13.55
C PRO A 162 12.82 1.39 14.19
N PHE A 163 12.48 0.11 14.01
CA PHE A 163 11.22 -0.42 14.52
C PHE A 163 11.43 -1.83 15.04
N ASP A 164 10.80 -2.12 16.18
CA ASP A 164 10.87 -3.47 16.75
C ASP A 164 10.12 -4.45 15.85
N PRO A 165 10.72 -5.58 15.47
CA PRO A 165 10.03 -6.57 14.63
C PRO A 165 9.00 -7.34 15.44
N HIS A 166 7.73 -7.16 15.11
CA HIS A 166 6.64 -7.92 15.69
C HIS A 166 6.19 -9.00 14.71
N TYR A 167 5.96 -10.21 15.22
CA TYR A 167 5.56 -11.33 14.40
C TYR A 167 4.28 -11.95 14.94
N VAL A 168 3.34 -12.24 14.06
CA VAL A 168 2.09 -12.93 14.41
C VAL A 168 1.88 -14.06 13.41
N GLU A 169 1.39 -15.20 13.91
CA GLU A 169 1.14 -16.35 13.05
C GLU A 169 -0.19 -16.19 12.34
N VAL A 170 -0.16 -16.34 11.01
CA VAL A 170 -1.33 -16.12 10.16
C VAL A 170 -1.41 -17.27 9.16
N LEU A 171 -2.44 -18.10 9.29
CA LEU A 171 -2.73 -19.17 8.32
C LEU A 171 -1.53 -20.11 8.14
N GLY A 172 -0.89 -20.49 9.24
CA GLY A 172 0.27 -21.35 9.20
C GLY A 172 1.58 -20.65 8.91
N GLU A 173 1.55 -19.41 8.41
CA GLU A 173 2.75 -18.63 8.16
C GLU A 173 2.88 -17.52 9.20
N ARG A 174 4.04 -16.90 9.21
CA ARG A 174 4.40 -15.90 10.21
C ARG A 174 4.61 -14.57 9.51
N MET A 175 3.82 -13.56 9.89
CA MET A 175 3.86 -12.26 9.25
C MET A 175 4.49 -11.23 10.18
N HIS A 176 5.36 -10.39 9.62
CA HIS A 176 6.01 -9.31 10.35
C HIS A 176 5.22 -8.01 10.18
N TYR A 177 5.26 -7.17 11.21
CA TYR A 177 4.56 -5.90 11.15
C TYR A 177 5.19 -4.90 12.11
N VAL A 178 4.96 -3.64 11.82
CA VAL A 178 5.35 -2.54 12.69
C VAL A 178 4.17 -2.20 13.59
N ASP A 179 4.46 -2.00 14.88
CA ASP A 179 3.45 -1.61 15.85
C ASP A 179 4.05 -0.55 16.75
N VAL A 180 3.62 0.70 16.60
CA VAL A 180 4.06 1.82 17.43
C VAL A 180 2.87 2.70 17.73
N GLY A 181 3.02 3.56 18.73
CA GLY A 181 1.98 4.50 19.10
C GLY A 181 1.19 4.06 20.32
N PRO A 182 0.23 4.88 20.74
CA PRO A 182 -0.56 4.55 21.93
C PRO A 182 -1.46 3.35 21.71
N ARG A 183 -1.73 2.63 22.81
CA ARG A 183 -2.51 1.41 22.73
C ARG A 183 -4.01 1.67 22.57
N ASP A 184 -4.49 2.82 23.05
CA ASP A 184 -5.90 3.13 22.98
C ASP A 184 -6.20 3.92 21.70
N GLY A 185 -7.48 4.24 21.50
CA GLY A 185 -7.90 4.96 20.32
C GLY A 185 -7.99 4.08 19.09
N THR A 186 -8.31 4.71 17.97
CA THR A 186 -8.44 4.00 16.71
C THR A 186 -7.07 3.81 16.07
N PRO A 187 -6.66 2.58 15.78
CA PRO A 187 -5.36 2.36 15.15
C PRO A 187 -5.39 2.71 13.68
N VAL A 188 -4.20 2.99 13.14
CA VAL A 188 -4.02 3.39 11.75
C VAL A 188 -3.23 2.30 11.04
N LEU A 189 -3.84 1.67 10.04
CA LEU A 189 -3.28 0.53 9.34
C LEU A 189 -2.65 0.99 8.04
N PHE A 190 -1.34 0.79 7.89
CA PHE A 190 -0.56 1.20 6.72
C PHE A 190 -0.34 -0.01 5.83
N LEU A 191 -0.85 0.05 4.59
CA LEU A 191 -0.74 -1.06 3.65
C LEU A 191 0.11 -0.63 2.46
N HIS A 192 1.28 -1.23 2.34
CA HIS A 192 2.17 -0.98 1.20
C HIS A 192 1.72 -1.80 0.00
N GLY A 193 2.42 -1.61 -1.13
CA GLY A 193 2.11 -2.27 -2.37
C GLY A 193 3.35 -2.95 -2.95
N ASN A 194 3.37 -3.03 -4.28
CA ASN A 194 4.46 -3.66 -5.00
C ASN A 194 5.45 -2.61 -5.51
N PRO A 195 6.78 -2.81 -5.34
CA PRO A 195 7.44 -3.96 -4.71
C PRO A 195 8.08 -3.59 -3.37
N THR A 196 7.34 -2.91 -2.52
CA THR A 196 7.89 -2.33 -1.29
C THR A 196 7.60 -3.22 -0.08
N SER A 197 7.55 -2.62 1.09
CA SER A 197 7.28 -3.25 2.38
C SER A 197 6.87 -2.15 3.33
N SER A 198 6.79 -2.46 4.63
CA SER A 198 6.53 -1.42 5.61
C SER A 198 7.64 -0.37 5.61
N TYR A 199 8.79 -0.67 5.01
CA TYR A 199 9.87 0.30 4.89
C TYR A 199 9.43 1.56 4.17
N VAL A 200 8.44 1.46 3.28
CA VAL A 200 7.98 2.62 2.53
C VAL A 200 7.24 3.62 3.42
N TRP A 201 6.81 3.21 4.61
CA TRP A 201 6.13 4.10 5.55
C TRP A 201 7.05 4.61 6.64
N ARG A 202 8.36 4.32 6.56
CA ARG A 202 9.28 4.62 7.65
C ARG A 202 9.31 6.10 8.00
N ASN A 203 9.06 6.98 7.03
CA ASN A 203 9.09 8.41 7.25
C ASN A 203 7.70 9.03 7.31
N ILE A 204 6.66 8.23 7.17
CA ILE A 204 5.30 8.72 7.39
C ILE A 204 4.86 8.43 8.82
N ILE A 205 5.18 7.21 9.29
CA ILE A 205 4.74 6.77 10.61
C ILE A 205 5.11 7.77 11.71
N PRO A 206 6.32 8.32 11.77
CA PRO A 206 6.66 9.22 12.88
C PRO A 206 5.74 10.42 13.02
N HIS A 207 5.07 10.85 11.96
CA HIS A 207 4.15 11.98 12.03
C HIS A 207 2.80 11.60 12.61
N VAL A 208 2.56 10.30 12.85
CA VAL A 208 1.27 9.81 13.33
C VAL A 208 1.40 9.07 14.65
N ALA A 209 2.51 8.37 14.84
CA ALA A 209 2.71 7.56 16.05
C ALA A 209 2.50 8.30 17.37
N PRO A 210 2.90 9.57 17.54
CA PRO A 210 2.68 10.21 18.85
C PRO A 210 1.23 10.31 19.29
N THR A 211 0.29 10.34 18.35
CA THR A 211 -1.12 10.48 18.67
C THR A 211 -1.95 9.24 18.42
N HIS A 212 -1.65 8.47 17.36
CA HIS A 212 -2.43 7.30 17.01
C HIS A 212 -1.55 6.07 16.87
N ARG A 213 -2.12 4.92 17.23
CA ARG A 213 -1.44 3.65 16.99
C ARG A 213 -1.17 3.48 15.50
N CYS A 214 0.01 2.96 15.17
CA CYS A 214 0.45 2.78 13.79
C CYS A 214 0.81 1.32 13.58
N ILE A 215 0.07 0.65 12.71
CA ILE A 215 0.34 -0.74 12.34
C ILE A 215 0.72 -0.77 10.86
N ALA A 216 1.85 -1.39 10.55
CA ALA A 216 2.34 -1.46 9.18
C ALA A 216 2.83 -2.87 8.92
N PRO A 217 1.98 -3.72 8.37
CA PRO A 217 2.40 -5.09 8.07
C PRO A 217 3.17 -5.19 6.76
N ASP A 218 4.01 -6.21 6.68
CA ASP A 218 4.59 -6.65 5.43
C ASP A 218 3.68 -7.72 4.84
N LEU A 219 3.31 -7.55 3.57
CA LEU A 219 2.47 -8.54 2.91
C LEU A 219 3.16 -9.90 2.89
N ILE A 220 2.36 -10.96 2.82
CA ILE A 220 2.92 -12.30 2.75
C ILE A 220 3.78 -12.43 1.50
N GLY A 221 4.93 -13.09 1.65
CA GLY A 221 5.90 -13.19 0.57
C GLY A 221 6.74 -11.94 0.35
N MET A 222 6.57 -10.90 1.18
CA MET A 222 7.29 -9.65 1.03
C MET A 222 7.87 -9.22 2.38
N GLY A 223 8.84 -8.29 2.30
CA GLY A 223 9.41 -7.72 3.50
C GLY A 223 10.06 -8.78 4.38
N LYS A 224 9.71 -8.75 5.66
CA LYS A 224 10.17 -9.72 6.65
C LYS A 224 9.16 -10.84 6.91
N SER A 225 7.99 -10.80 6.26
CA SER A 225 7.01 -11.85 6.48
C SER A 225 7.44 -13.15 5.81
N ASP A 226 6.83 -14.24 6.24
CA ASP A 226 7.12 -15.55 5.65
C ASP A 226 6.72 -15.55 4.17
N LYS A 227 7.40 -16.40 3.40
CA LYS A 227 7.24 -16.46 1.95
C LYS A 227 6.99 -17.90 1.53
N PRO A 228 5.76 -18.39 1.66
CA PRO A 228 5.46 -19.76 1.23
C PRO A 228 5.45 -19.89 -0.29
N ASP A 229 5.38 -21.14 -0.73
CA ASP A 229 5.37 -21.49 -2.16
C ASP A 229 3.96 -21.28 -2.71
N LEU A 230 3.63 -20.02 -2.99
CA LEU A 230 2.32 -19.64 -3.49
C LEU A 230 2.44 -18.99 -4.86
N GLY A 231 1.32 -18.96 -5.58
CA GLY A 231 1.26 -18.17 -6.80
C GLY A 231 1.17 -16.68 -6.56
N TYR A 232 0.79 -16.29 -5.33
CA TYR A 232 0.72 -14.89 -4.90
C TYR A 232 -0.24 -14.07 -5.75
N PHE A 233 -1.37 -14.66 -6.10
CA PHE A 233 -2.48 -13.91 -6.68
C PHE A 233 -3.06 -12.95 -5.64
N PHE A 234 -3.92 -12.05 -6.11
CA PHE A 234 -4.54 -11.10 -5.21
C PHE A 234 -5.32 -11.80 -4.11
N ASP A 235 -6.03 -12.88 -4.45
CA ASP A 235 -6.79 -13.62 -3.46
C ASP A 235 -5.89 -14.14 -2.34
N ASP A 236 -4.66 -14.51 -2.66
CA ASP A 236 -3.72 -14.94 -1.63
C ASP A 236 -3.47 -13.83 -0.62
N HIS A 237 -3.24 -12.60 -1.09
CA HIS A 237 -3.01 -11.49 -0.19
C HIS A 237 -4.26 -11.16 0.61
N VAL A 238 -5.43 -11.23 -0.04
CA VAL A 238 -6.69 -10.98 0.66
C VAL A 238 -6.87 -11.96 1.82
N ARG A 239 -6.64 -13.25 1.57
CA ARG A 239 -6.76 -14.25 2.62
C ARG A 239 -5.81 -13.95 3.78
N PHE A 240 -4.55 -13.60 3.46
CA PHE A 240 -3.59 -13.37 4.51
C PHE A 240 -3.82 -12.04 5.23
N MET A 241 -4.30 -11.03 4.51
CA MET A 241 -4.56 -9.75 5.15
C MET A 241 -5.87 -9.75 5.94
N ASP A 242 -6.88 -10.49 5.49
CA ASP A 242 -8.05 -10.68 6.32
C ASP A 242 -7.66 -11.33 7.64
N ALA A 243 -6.88 -12.42 7.56
CA ALA A 243 -6.51 -13.15 8.76
C ALA A 243 -5.59 -12.33 9.65
N PHE A 244 -4.74 -11.49 9.06
CA PHE A 244 -3.87 -10.62 9.84
C PHE A 244 -4.68 -9.65 10.69
N ILE A 245 -5.69 -9.03 10.10
CA ILE A 245 -6.48 -8.04 10.83
C ILE A 245 -7.25 -8.69 11.98
N GLU A 246 -7.76 -9.90 11.76
CA GLU A 246 -8.43 -10.62 12.85
C GLU A 246 -7.43 -11.20 13.83
N ALA A 247 -6.22 -11.56 13.38
CA ALA A 247 -5.23 -12.09 14.31
C ALA A 247 -4.78 -11.02 15.31
N LEU A 248 -4.76 -9.76 14.90
CA LEU A 248 -4.39 -8.68 15.80
C LEU A 248 -5.57 -8.19 16.64
N GLY A 249 -6.79 -8.63 16.32
CA GLY A 249 -7.95 -8.20 17.07
C GLY A 249 -8.36 -6.77 16.80
N LEU A 250 -8.07 -6.26 15.61
CA LEU A 250 -8.48 -4.91 15.28
C LEU A 250 -9.98 -4.85 15.01
N GLU A 251 -10.64 -3.84 15.55
CA GLU A 251 -12.06 -3.65 15.29
C GLU A 251 -12.25 -2.50 14.33
N GLU A 252 -12.25 -1.27 14.82
CA GLU A 252 -12.32 -0.09 13.97
C GLU A 252 -10.91 0.39 13.65
N VAL A 253 -10.71 0.85 12.40
CA VAL A 253 -9.40 1.28 11.92
C VAL A 253 -9.55 2.47 10.98
N VAL A 254 -8.44 3.18 10.80
CA VAL A 254 -8.26 4.14 9.72
C VAL A 254 -7.25 3.55 8.74
N LEU A 255 -7.54 3.65 7.45
CA LEU A 255 -6.69 3.08 6.41
C LEU A 255 -5.80 4.15 5.79
N VAL A 256 -4.52 3.84 5.66
CA VAL A 256 -3.57 4.61 4.86
C VAL A 256 -2.96 3.62 3.88
N ILE A 257 -3.40 3.67 2.62
CA ILE A 257 -3.14 2.60 1.67
C ILE A 257 -2.55 3.18 0.39
N HIS A 258 -1.79 2.34 -0.32
CA HIS A 258 -1.04 2.78 -1.48
C HIS A 258 -0.83 1.61 -2.44
N ASP A 259 -0.93 1.89 -3.74
CA ASP A 259 -0.56 0.94 -4.80
C ASP A 259 -1.41 -0.32 -4.62
N TRP A 260 -0.84 -1.52 -4.63
CA TRP A 260 -1.64 -2.71 -4.44
C TRP A 260 -2.19 -2.80 -3.03
N GLY A 261 -1.58 -2.10 -2.06
CA GLY A 261 -2.18 -2.02 -0.75
C GLY A 261 -3.53 -1.33 -0.76
N SER A 262 -3.71 -0.37 -1.68
CA SER A 262 -5.01 0.27 -1.82
C SER A 262 -6.07 -0.72 -2.31
N ALA A 263 -5.68 -1.70 -3.12
CA ALA A 263 -6.63 -2.73 -3.52
C ALA A 263 -7.07 -3.55 -2.32
N LEU A 264 -6.12 -3.95 -1.46
CA LEU A 264 -6.47 -4.66 -0.25
C LEU A 264 -7.31 -3.77 0.68
N GLY A 265 -6.88 -2.52 0.86
CA GLY A 265 -7.60 -1.64 1.76
C GLY A 265 -9.02 -1.35 1.31
N PHE A 266 -9.19 -1.04 0.03
CA PHE A 266 -10.51 -0.74 -0.50
C PHE A 266 -11.40 -1.99 -0.52
N HIS A 267 -10.82 -3.15 -0.84
CA HIS A 267 -11.62 -4.38 -0.87
C HIS A 267 -12.08 -4.78 0.52
N TRP A 268 -11.22 -4.58 1.52
CA TRP A 268 -11.61 -4.86 2.90
C TRP A 268 -12.60 -3.82 3.41
N ALA A 269 -12.41 -2.56 3.03
CA ALA A 269 -13.34 -1.52 3.47
C ALA A 269 -14.72 -1.74 2.86
N LYS A 270 -14.79 -2.16 1.59
CA LYS A 270 -16.08 -2.42 0.97
C LYS A 270 -16.83 -3.53 1.68
N ARG A 271 -16.10 -4.56 2.16
CA ARG A 271 -16.73 -5.67 2.85
C ARG A 271 -17.01 -5.38 4.32
N ASN A 272 -16.30 -4.42 4.93
CA ASN A 272 -16.48 -4.07 6.34
C ASN A 272 -16.61 -2.57 6.51
N PRO A 273 -17.54 -1.93 5.82
CA PRO A 273 -17.56 -0.46 5.80
C PRO A 273 -17.82 0.16 7.16
N GLU A 274 -18.54 -0.52 8.03
CA GLU A 274 -18.81 -0.01 9.37
C GLU A 274 -17.58 0.02 10.26
N ARG A 275 -16.49 -0.66 9.89
CA ARG A 275 -15.29 -0.71 10.70
C ARG A 275 -14.20 0.26 10.24
N VAL A 276 -14.44 1.02 9.17
CA VAL A 276 -13.47 1.96 8.62
C VAL A 276 -13.89 3.38 8.97
N LYS A 277 -12.98 4.13 9.59
CA LYS A 277 -13.23 5.49 10.04
C LYS A 277 -12.66 6.55 9.10
N GLY A 278 -11.78 6.17 8.18
CA GLY A 278 -11.21 7.11 7.24
C GLY A 278 -10.21 6.42 6.35
N ILE A 279 -10.09 6.86 5.10
CA ILE A 279 -9.17 6.25 4.13
C ILE A 279 -8.31 7.34 3.51
N ALA A 280 -7.00 7.26 3.73
CA ALA A 280 -6.03 8.09 3.04
C ALA A 280 -5.32 7.22 2.02
N PHE A 281 -5.41 7.58 0.75
CA PHE A 281 -4.90 6.73 -0.31
C PHE A 281 -4.21 7.57 -1.38
N MET A 282 -3.43 6.89 -2.21
CA MET A 282 -2.60 7.51 -3.23
C MET A 282 -2.15 6.43 -4.20
N GLU A 283 -2.06 6.80 -5.48
CA GLU A 283 -1.63 5.89 -6.54
C GLU A 283 -2.28 4.51 -6.37
N PHE A 284 -3.60 4.52 -6.46
CA PHE A 284 -4.40 3.36 -6.11
C PHE A 284 -4.70 2.51 -7.34
N ILE A 285 -5.36 1.37 -7.12
CA ILE A 285 -5.69 0.42 -8.17
C ILE A 285 -7.08 0.76 -8.72
N ARG A 286 -7.19 0.79 -10.04
CA ARG A 286 -8.44 1.09 -10.73
C ARG A 286 -8.43 0.35 -12.06
N PRO A 287 -9.60 0.08 -12.63
CA PRO A 287 -9.62 -0.63 -13.92
C PRO A 287 -9.15 0.28 -15.05
N ILE A 288 -8.31 -0.26 -15.92
CA ILE A 288 -7.75 0.47 -17.05
C ILE A 288 -8.45 -0.02 -18.31
N PRO A 289 -9.05 0.87 -19.12
CA PRO A 289 -9.71 0.40 -20.35
C PRO A 289 -8.76 -0.14 -21.40
N THR A 290 -7.63 0.54 -21.66
CA THR A 290 -6.71 0.09 -22.70
C THR A 290 -5.40 -0.48 -22.14
C3' NHE B . 6.00 1.97 -10.39
C2' NHE B . 4.87 1.42 -9.52
C1' NHE B . 4.82 -0.10 -9.58
C6' NHE B . 6.11 -0.70 -9.01
N NHE B . 3.56 -0.58 -8.99
C1 NHE B . 2.41 -0.45 -9.89
C2 NHE B . 1.53 -1.68 -9.84
S NHE B . 2.37 -3.19 -10.23
O1 NHE B . 2.94 -3.02 -11.54
O2 NHE B . 3.42 -3.34 -9.20
O3 NHE B . 1.39 -4.25 -10.15
C5' NHE B . 7.20 0.35 -8.88
C4' NHE B . 7.31 1.23 -10.13
#